data_1YV0
#
_entry.id   1YV0
#
_cell.length_a   134.662
_cell.length_b   134.662
_cell.length_c   102.070
_cell.angle_alpha   90.00
_cell.angle_beta   90.00
_cell.angle_gamma   90.00
#
_symmetry.space_group_name_H-M   'P 43 21 2'
#
loop_
_entity.id
_entity.type
_entity.pdbx_description
1 polymer 'Troponin T, fast skeletal muscle isoforms'
2 polymer 'Troponin I, fast skeletal muscle'
3 polymer 'Troponin C, skeletal muscle'
4 non-polymer 'MAGNESIUM ION'
#
loop_
_entity_poly.entity_id
_entity_poly.type
_entity_poly.pdbx_seq_one_letter_code
_entity_poly.pdbx_strand_id
1 'polypeptide(L)'
;MGASYSSYLAKADQKRGKKQTARETKKKVLAERRKPLNIDHLNEDKLRDKAKELWDWLYQLQTEKYDFAEQIKRKKYEIV
TLRNRIDQAQKHSKKAGAKGKVGGRWK
;
T
2 'polypeptide(L)'
;SDEEKKRRAATARRQHLKSAMLQLAVTEIEKEAAAKEVEKQNYLAEHSPPLSLPGSMQELQELSKKLHAKIDSVDEERYD
TEVKLQKTNKELEDLSQKLFDLRGKFKRPPLRRVRMSADAMLRALLGSKHKVNMDLR
;
I
3 'polypeptide(L)'
;ASMTDQQAEARAFLSEEMIAEFKAAFDMFDADGGGDISTKELGTVMRMLGQNPTKEELDAIIEEVDEDGSGTIDFEEFLV
MMVRQMKEDAKGKSEEELANCFRIFDKNADGFIDIEELGEILRATGEHVTEEDIEDLMKDSDKNNDGRIDFDEFLKMMEG
VQ
;
C
#
loop_
_chem_comp.id
_chem_comp.type
_chem_comp.name
_chem_comp.formula
MG non-polymer 'MAGNESIUM ION' 'Mg 2'
#
# COMPACT_ATOMS: atom_id res chain seq x y z
N LEU A 9 35.90 20.04 5.46
CA LEU A 9 35.40 20.64 4.20
C LEU A 9 34.34 19.75 3.50
N ALA A 10 34.41 18.44 3.71
CA ALA A 10 33.43 17.51 3.11
C ALA A 10 32.06 17.64 3.76
N LYS A 11 31.98 18.51 4.78
CA LYS A 11 30.72 18.76 5.50
C LYS A 11 30.23 20.14 5.06
N ALA A 12 30.93 20.73 4.08
CA ALA A 12 30.62 22.05 3.54
C ALA A 12 30.44 22.07 2.01
N ASP A 13 30.31 20.88 1.41
CA ASP A 13 30.07 20.74 -0.02
C ASP A 13 29.07 19.60 -0.24
N GLN A 14 28.92 18.75 0.77
CA GLN A 14 27.96 17.67 0.72
C GLN A 14 26.65 18.24 1.28
N LYS A 15 26.61 18.47 2.59
CA LYS A 15 25.43 19.04 3.26
C LYS A 15 25.17 20.50 2.87
N ARG A 16 26.14 21.16 2.25
CA ARG A 16 25.97 22.55 1.85
C ARG A 16 25.46 22.64 0.41
N GLY A 17 25.96 21.76 -0.46
CA GLY A 17 25.54 21.77 -1.86
C GLY A 17 24.39 20.83 -2.16
N LYS A 18 23.63 20.44 -1.14
CA LYS A 18 22.50 19.55 -1.29
C LYS A 18 21.20 20.17 -0.77
N LYS A 19 21.26 20.83 0.39
CA LYS A 19 20.09 21.47 0.97
C LYS A 19 19.77 22.73 0.17
N GLN A 20 20.81 23.42 -0.29
CA GLN A 20 20.63 24.61 -1.11
C GLN A 20 20.10 24.13 -2.45
N THR A 21 20.56 22.95 -2.85
CA THR A 21 20.15 22.33 -4.10
C THR A 21 18.69 21.91 -3.93
N ALA A 22 18.24 21.89 -2.67
CA ALA A 22 16.87 21.52 -2.36
C ALA A 22 15.99 22.76 -2.37
N ARG A 23 16.57 23.88 -1.98
CA ARG A 23 15.85 25.15 -1.90
C ARG A 23 15.20 25.60 -3.20
N GLU A 24 16.02 25.83 -4.22
CA GLU A 24 15.48 26.26 -5.50
C GLU A 24 14.49 25.21 -5.95
N THR A 25 14.93 23.96 -5.95
CA THR A 25 14.07 22.84 -6.35
C THR A 25 12.84 22.83 -5.48
N LYS A 26 12.90 23.63 -4.42
CA LYS A 26 11.80 23.76 -3.49
C LYS A 26 10.96 24.94 -3.90
N LYS A 27 11.56 26.12 -3.82
CA LYS A 27 10.88 27.35 -4.16
C LYS A 27 10.28 27.34 -5.59
N LYS A 28 10.92 26.59 -6.49
CA LYS A 28 10.48 26.50 -7.89
C LYS A 28 9.12 25.85 -8.12
N VAL A 29 8.98 24.59 -7.73
CA VAL A 29 7.72 23.87 -7.90
C VAL A 29 6.66 24.60 -7.07
N LEU A 30 6.87 25.90 -6.82
CA LEU A 30 5.95 26.70 -6.03
C LEU A 30 5.37 27.96 -6.69
N ALA A 31 6.13 28.58 -7.59
CA ALA A 31 5.66 29.79 -8.27
C ALA A 31 4.88 29.42 -9.53
N GLU A 32 4.25 28.27 -9.50
CA GLU A 32 3.49 27.82 -10.66
C GLU A 32 2.07 27.43 -10.25
N ARG A 33 1.93 26.68 -9.17
CA ARG A 33 0.59 26.31 -8.68
C ARG A 33 0.15 27.53 -7.90
N ARG A 34 1.00 28.56 -7.98
CA ARG A 34 0.79 29.84 -7.34
C ARG A 34 0.39 30.85 -8.40
N LYS A 35 -0.88 30.80 -8.80
CA LYS A 35 -1.46 31.70 -9.81
C LYS A 35 -1.57 33.15 -9.28
N PRO A 36 -0.67 34.06 -9.70
CA PRO A 36 -0.72 35.46 -9.22
C PRO A 36 -2.10 36.09 -9.01
N LEU A 37 -2.35 36.59 -7.81
CA LEU A 37 -3.63 37.24 -7.53
C LEU A 37 -3.70 38.50 -8.35
N ASN A 38 -4.26 38.33 -9.53
CA ASN A 38 -4.41 39.37 -10.51
C ASN A 38 -5.65 40.24 -10.27
N ILE A 39 -6.82 39.66 -10.52
CA ILE A 39 -8.10 40.34 -10.38
C ILE A 39 -8.20 41.39 -9.28
N ASP A 40 -7.84 42.62 -9.59
CA ASP A 40 -7.94 43.72 -8.64
C ASP A 40 -8.76 44.87 -9.21
N HIS A 41 -9.96 45.06 -8.67
CA HIS A 41 -10.88 46.12 -9.09
C HIS A 41 -11.54 45.91 -10.47
N LEU A 42 -12.69 45.24 -10.48
CA LEU A 42 -13.39 44.98 -11.74
C LEU A 42 -14.92 44.95 -11.61
N ASN A 43 -15.43 43.96 -10.90
CA ASN A 43 -16.87 43.80 -10.67
C ASN A 43 -17.06 43.25 -9.25
N GLU A 44 -18.31 43.18 -8.78
CA GLU A 44 -18.59 42.73 -7.42
C GLU A 44 -18.88 41.28 -7.02
N ASP A 45 -19.82 40.60 -7.67
CA ASP A 45 -20.15 39.23 -7.26
C ASP A 45 -19.41 38.08 -7.95
N LYS A 46 -18.14 38.32 -8.27
CA LYS A 46 -17.31 37.30 -8.91
C LYS A 46 -16.76 36.50 -7.74
N LEU A 47 -16.10 37.23 -6.84
CA LEU A 47 -15.50 36.67 -5.65
C LEU A 47 -16.35 35.57 -5.06
N ARG A 48 -17.67 35.73 -5.19
CA ARG A 48 -18.63 34.75 -4.69
C ARG A 48 -18.09 33.37 -5.03
N ASP A 49 -18.68 32.79 -6.07
CA ASP A 49 -18.24 31.50 -6.56
C ASP A 49 -16.72 31.46 -6.41
N LYS A 50 -16.06 32.52 -6.86
CA LYS A 50 -14.59 32.59 -6.82
C LYS A 50 -13.94 32.29 -5.48
N ALA A 51 -14.21 33.12 -4.49
CA ALA A 51 -13.64 32.93 -3.16
C ALA A 51 -13.62 31.46 -2.78
N LYS A 52 -14.69 30.75 -3.11
CA LYS A 52 -14.79 29.34 -2.76
C LYS A 52 -14.10 28.49 -3.81
N GLU A 53 -13.70 29.14 -4.90
CA GLU A 53 -12.98 28.45 -5.95
C GLU A 53 -11.55 28.46 -5.51
N LEU A 54 -11.01 29.66 -5.30
CA LEU A 54 -9.63 29.76 -4.84
C LEU A 54 -9.67 28.86 -3.62
N TRP A 55 -10.79 28.93 -2.91
CA TRP A 55 -10.97 28.11 -1.72
C TRP A 55 -11.01 26.65 -2.10
N ASP A 56 -11.93 26.28 -2.98
CA ASP A 56 -12.06 24.88 -3.41
C ASP A 56 -10.69 24.31 -3.66
N TRP A 57 -9.82 25.09 -4.30
CA TRP A 57 -8.44 24.67 -4.55
C TRP A 57 -7.87 24.65 -3.11
N LEU A 58 -7.91 25.80 -2.43
CA LEU A 58 -7.42 25.90 -1.06
C LEU A 58 -7.69 24.61 -0.34
N TYR A 59 -8.98 24.28 -0.22
CA TYR A 59 -9.44 23.05 0.41
C TYR A 59 -8.48 21.96 -0.02
N GLN A 60 -8.45 21.71 -1.33
CA GLN A 60 -7.59 20.68 -1.91
C GLN A 60 -6.21 20.76 -1.23
N LEU A 61 -5.34 21.66 -1.71
CA LEU A 61 -4.00 21.82 -1.14
C LEU A 61 -3.92 21.09 0.19
N GLN A 62 -4.61 21.67 1.16
CA GLN A 62 -4.70 21.13 2.50
C GLN A 62 -5.09 19.64 2.48
N THR A 63 -6.28 19.32 1.99
CA THR A 63 -6.73 17.93 1.97
C THR A 63 -5.67 16.91 1.54
N GLU A 64 -4.94 17.21 0.48
CA GLU A 64 -3.91 16.29 0.01
C GLU A 64 -2.96 16.02 1.19
N LYS A 65 -2.84 17.01 2.07
CA LYS A 65 -1.94 16.92 3.20
C LYS A 65 -2.13 15.79 4.20
N TYR A 66 -3.13 15.86 5.06
CA TYR A 66 -3.33 14.79 6.04
C TYR A 66 -2.97 13.48 5.37
N ASP A 67 -3.55 13.28 4.19
CA ASP A 67 -3.29 12.08 3.42
C ASP A 67 -1.79 11.92 3.38
N PHE A 68 -1.13 12.94 2.84
CA PHE A 68 0.32 12.99 2.76
C PHE A 68 0.90 12.59 4.10
N ALA A 69 0.26 13.03 5.18
CA ALA A 69 0.72 12.75 6.52
C ALA A 69 0.47 11.32 6.95
N GLU A 70 -0.65 11.09 7.63
CA GLU A 70 -1.02 9.77 8.11
C GLU A 70 -0.41 8.62 7.32
N GLN A 71 -0.23 8.80 6.02
CA GLN A 71 0.37 7.74 5.23
C GLN A 71 1.80 7.55 5.73
N ILE A 72 2.26 8.49 6.55
CA ILE A 72 3.60 8.44 7.09
C ILE A 72 3.68 7.71 8.42
N LYS A 73 2.58 7.71 9.16
CA LYS A 73 2.55 7.00 10.44
C LYS A 73 2.38 5.54 10.11
N ARG A 74 2.07 5.26 8.85
CA ARG A 74 1.83 3.89 8.43
C ARG A 74 3.16 3.27 8.10
N LYS A 75 3.98 4.03 7.40
CA LYS A 75 5.28 3.53 7.02
C LYS A 75 6.30 3.73 8.11
N LYS A 76 6.11 4.73 8.95
CA LYS A 76 7.06 4.91 10.03
C LYS A 76 6.93 3.64 10.85
N TYR A 77 5.85 2.93 10.54
CA TYR A 77 5.52 1.66 11.19
C TYR A 77 6.03 0.56 10.28
N GLU A 78 5.40 0.42 9.13
CA GLU A 78 5.82 -0.60 8.16
C GLU A 78 7.34 -0.65 8.26
N ILE A 79 7.91 0.53 8.49
CA ILE A 79 9.35 0.68 8.69
C ILE A 79 9.81 -0.29 9.76
N VAL A 80 9.54 0.07 11.03
CA VAL A 80 9.94 -0.72 12.17
C VAL A 80 9.84 -2.18 11.79
N THR A 81 8.60 -2.67 11.76
CA THR A 81 8.31 -4.05 11.40
C THR A 81 9.49 -4.53 10.57
N LEU A 82 9.70 -3.87 9.43
CA LEU A 82 10.81 -4.21 8.56
C LEU A 82 12.10 -4.21 9.36
N ARG A 83 12.48 -3.06 9.88
CA ARG A 83 13.70 -2.95 10.67
C ARG A 83 13.85 -4.18 11.55
N ASN A 84 12.85 -4.48 12.36
CA ASN A 84 12.93 -5.64 13.21
C ASN A 84 12.99 -6.90 12.35
N ARG A 85 12.11 -6.98 11.35
CA ARG A 85 12.11 -8.14 10.45
C ARG A 85 13.52 -8.28 9.88
N ILE A 86 14.35 -7.27 10.13
CA ILE A 86 15.73 -7.27 9.68
C ILE A 86 16.65 -7.68 10.84
N ASP A 87 16.26 -7.29 12.05
CA ASP A 87 17.06 -7.62 13.23
C ASP A 87 16.63 -8.97 13.78
N GLN A 88 15.73 -9.60 13.05
CA GLN A 88 15.24 -10.90 13.43
C GLN A 88 15.70 -11.87 12.36
N ALA A 89 16.41 -11.34 11.38
CA ALA A 89 16.90 -12.12 10.26
C ALA A 89 18.42 -12.25 10.21
N GLN A 90 19.11 -11.57 11.12
CA GLN A 90 20.57 -11.62 11.15
C GLN A 90 21.10 -13.02 11.42
N LYS A 91 21.32 -13.30 12.71
CA LYS A 91 21.86 -14.59 13.14
C LYS A 91 22.99 -15.10 12.23
N HIS A 92 24.24 -14.87 12.65
CA HIS A 92 25.40 -15.30 11.86
C HIS A 92 25.45 -16.79 11.47
N SER A 93 24.61 -17.62 12.11
CA SER A 93 24.54 -19.06 11.88
C SER A 93 23.65 -19.40 10.69
N GLU B 3 1.50 -42.86 22.00
CA GLU B 3 1.67 -42.26 20.65
C GLU B 3 0.62 -41.13 20.45
N GLU B 4 0.84 -40.00 21.16
CA GLU B 4 0.03 -38.75 21.15
C GLU B 4 -1.19 -38.50 20.23
N LYS B 5 -1.76 -39.54 19.63
CA LYS B 5 -2.89 -39.43 18.69
C LYS B 5 -3.98 -38.37 18.91
N LYS B 6 -4.49 -38.23 20.13
CA LYS B 6 -5.55 -37.25 20.40
C LYS B 6 -5.15 -35.81 20.05
N ARG B 7 -3.99 -35.66 19.42
CA ARG B 7 -3.50 -34.34 19.05
C ARG B 7 -4.03 -33.91 17.68
N ARG B 8 -5.27 -34.25 17.40
CA ARG B 8 -5.88 -33.86 16.16
C ARG B 8 -6.89 -32.76 16.46
N ALA B 9 -7.24 -32.64 17.74
CA ALA B 9 -8.19 -31.63 18.18
C ALA B 9 -7.49 -30.41 18.77
N ALA B 10 -6.28 -30.60 19.27
CA ALA B 10 -5.51 -29.50 19.86
C ALA B 10 -5.12 -28.45 18.81
N THR B 11 -5.00 -28.90 17.57
CA THR B 11 -4.65 -28.02 16.45
C THR B 11 -5.97 -27.51 15.89
N ALA B 12 -6.90 -28.45 15.69
CA ALA B 12 -8.21 -28.11 15.18
C ALA B 12 -8.57 -26.81 15.84
N ARG B 13 -8.47 -26.80 17.18
CA ARG B 13 -8.73 -25.61 17.97
C ARG B 13 -7.78 -24.57 17.44
N ARG B 14 -6.53 -24.65 17.87
CA ARG B 14 -5.49 -23.74 17.43
C ARG B 14 -5.75 -23.17 16.03
N GLN B 15 -6.32 -23.98 15.14
CA GLN B 15 -6.64 -23.55 13.78
C GLN B 15 -8.06 -23.01 13.82
N HIS B 16 -8.97 -23.81 14.39
CA HIS B 16 -10.36 -23.43 14.57
C HIS B 16 -10.29 -22.15 15.39
N LEU B 17 -9.17 -22.00 16.09
CA LEU B 17 -8.85 -20.85 16.96
C LEU B 17 -8.25 -19.67 16.18
N LYS B 18 -7.08 -19.84 15.59
CA LYS B 18 -6.47 -18.76 14.81
C LYS B 18 -7.55 -18.16 13.90
N SER B 19 -8.54 -18.98 13.58
CA SER B 19 -9.69 -18.58 12.77
C SER B 19 -10.36 -17.39 13.47
N ALA B 20 -10.35 -17.43 14.80
CA ALA B 20 -10.93 -16.37 15.63
C ALA B 20 -10.04 -15.13 15.64
N MET B 21 -8.74 -15.35 15.83
CA MET B 21 -7.80 -14.24 15.85
C MET B 21 -8.05 -13.27 14.72
N LEU B 22 -7.84 -13.76 13.51
CA LEU B 22 -8.01 -12.94 12.33
C LEU B 22 -9.42 -12.38 12.28
N GLN B 23 -10.40 -13.26 12.41
CA GLN B 23 -11.82 -12.89 12.35
C GLN B 23 -12.07 -11.63 13.18
N LEU B 24 -11.10 -11.27 14.02
CA LEU B 24 -11.23 -10.11 14.88
C LEU B 24 -10.59 -8.91 14.22
N ALA B 25 -9.31 -9.04 13.93
CA ALA B 25 -8.57 -7.95 13.30
C ALA B 25 -9.30 -7.46 12.07
N VAL B 26 -9.93 -8.39 11.36
CA VAL B 26 -10.67 -8.05 10.15
C VAL B 26 -11.62 -6.90 10.41
N THR B 27 -12.59 -7.14 11.27
CA THR B 27 -13.53 -6.11 11.58
C THR B 27 -12.81 -4.92 12.21
N GLU B 28 -11.74 -5.20 12.95
CA GLU B 28 -11.00 -4.12 13.58
C GLU B 28 -10.32 -3.25 12.53
N ILE B 29 -10.20 -3.78 11.32
CA ILE B 29 -9.57 -3.02 10.25
C ILE B 29 -10.46 -1.84 9.84
N GLU B 30 -11.69 -2.12 9.44
CA GLU B 30 -12.60 -1.06 8.99
C GLU B 30 -13.20 -0.13 10.04
N LYS B 31 -12.67 -0.15 11.26
CA LYS B 31 -13.15 0.73 12.33
C LYS B 31 -12.16 1.86 12.53
N GLU B 32 -10.92 1.49 12.84
CA GLU B 32 -9.84 2.46 13.04
C GLU B 32 -9.75 3.31 11.77
N ALA B 33 -10.56 2.94 10.79
CA ALA B 33 -10.60 3.64 9.50
C ALA B 33 -11.82 4.55 9.43
N ALA B 34 -13.01 3.97 9.52
CA ALA B 34 -14.22 4.79 9.48
C ALA B 34 -14.05 5.80 10.60
N ALA B 35 -13.06 5.55 11.44
CA ALA B 35 -12.71 6.44 12.53
C ALA B 35 -11.64 7.37 12.01
N LYS B 36 -10.59 6.78 11.41
CA LYS B 36 -9.50 7.55 10.83
C LYS B 36 -10.13 8.40 9.74
N GLU B 37 -11.42 8.14 9.48
CA GLU B 37 -12.19 8.84 8.48
C GLU B 37 -12.76 10.11 9.08
N VAL B 38 -13.02 10.03 10.38
CA VAL B 38 -13.60 11.13 11.11
C VAL B 38 -12.50 11.91 11.83
N GLU B 39 -11.54 11.19 12.38
CA GLU B 39 -10.38 11.78 13.06
C GLU B 39 -9.89 12.78 12.01
N LYS B 40 -10.30 12.49 10.79
CA LYS B 40 -9.97 13.28 9.62
C LYS B 40 -10.85 14.51 9.64
N GLN B 41 -11.92 14.48 8.85
CA GLN B 41 -12.86 15.58 8.72
C GLN B 41 -13.13 16.36 10.00
N ASN B 42 -12.99 15.73 11.15
CA ASN B 42 -13.21 16.44 12.40
C ASN B 42 -12.00 17.34 12.59
N TYR B 43 -10.82 16.77 12.38
CA TYR B 43 -9.58 17.51 12.49
C TYR B 43 -9.52 18.55 11.36
N LEU B 44 -10.33 18.36 10.32
CA LEU B 44 -10.33 19.29 9.18
C LEU B 44 -11.35 20.41 9.32
N ALA B 45 -12.46 20.12 9.99
CA ALA B 45 -13.52 21.10 10.18
C ALA B 45 -13.02 22.48 10.58
N GLU B 46 -11.82 22.57 11.13
CA GLU B 46 -11.35 23.88 11.59
C GLU B 46 -10.14 24.59 11.00
N HIS B 47 -9.19 23.89 10.39
CA HIS B 47 -8.07 24.66 9.85
C HIS B 47 -8.62 25.61 8.77
N SER B 48 -9.88 25.38 8.38
CA SER B 48 -10.63 26.20 7.40
C SER B 48 -12.09 25.71 7.32
N PRO B 49 -12.89 26.01 8.37
CA PRO B 49 -14.31 25.64 8.52
C PRO B 49 -15.26 26.20 7.46
N PRO B 50 -16.54 25.80 7.53
CA PRO B 50 -17.65 26.20 6.65
C PRO B 50 -17.74 27.71 6.44
N LEU B 51 -16.66 28.28 5.94
CA LEU B 51 -16.56 29.72 5.66
C LEU B 51 -17.86 30.35 5.17
N SER B 52 -17.91 31.68 5.18
CA SER B 52 -19.11 32.39 4.75
C SER B 52 -18.83 33.57 3.85
N LEU B 53 -19.90 34.10 3.28
CA LEU B 53 -19.85 35.23 2.37
C LEU B 53 -20.48 36.47 3.01
N PRO B 54 -19.71 37.56 3.18
CA PRO B 54 -20.16 38.84 3.78
C PRO B 54 -21.19 39.68 2.99
N GLY B 55 -21.02 41.00 3.06
CA GLY B 55 -21.89 41.92 2.37
C GLY B 55 -21.34 42.42 1.03
N SER B 56 -20.52 43.48 1.06
CA SER B 56 -19.97 44.05 -0.18
C SER B 56 -18.48 44.47 -0.21
N MET B 57 -18.25 45.76 0.01
CA MET B 57 -16.95 46.45 -0.02
C MET B 57 -15.52 45.85 0.15
N GLN B 58 -14.73 46.63 0.88
CA GLN B 58 -13.31 46.43 1.20
C GLN B 58 -12.86 45.14 1.89
N GLU B 59 -13.78 44.41 2.50
CA GLU B 59 -13.42 43.19 3.23
C GLU B 59 -13.10 41.97 2.36
N LEU B 60 -13.95 41.69 1.36
CA LEU B 60 -13.71 40.53 0.54
C LEU B 60 -12.32 40.63 -0.05
N GLN B 61 -12.08 41.74 -0.72
CA GLN B 61 -10.80 41.99 -1.34
C GLN B 61 -9.67 41.47 -0.48
N GLU B 62 -9.78 41.71 0.81
CA GLU B 62 -8.76 41.33 1.74
C GLU B 62 -8.76 39.83 2.06
N LEU B 63 -9.79 39.38 2.76
CA LEU B 63 -9.92 37.99 3.17
C LEU B 63 -9.14 37.15 2.20
N SER B 64 -9.31 37.51 0.93
CA SER B 64 -8.62 36.86 -0.14
C SER B 64 -7.18 36.87 0.26
N LYS B 65 -6.54 38.03 0.14
CA LYS B 65 -5.13 38.19 0.47
C LYS B 65 -4.70 37.06 1.39
N LYS B 66 -5.24 37.03 2.59
CA LYS B 66 -4.89 35.98 3.54
C LYS B 66 -5.03 34.63 2.89
N LEU B 67 -6.23 34.33 2.43
CA LEU B 67 -6.47 33.05 1.79
C LEU B 67 -5.25 32.68 0.99
N HIS B 68 -4.98 33.45 -0.05
CA HIS B 68 -3.82 33.20 -0.87
C HIS B 68 -2.61 33.22 0.03
N ALA B 69 -2.56 34.22 0.90
CA ALA B 69 -1.46 34.35 1.84
C ALA B 69 -1.20 32.99 2.47
N LYS B 70 -2.01 32.62 3.46
CA LYS B 70 -1.82 31.36 4.13
C LYS B 70 -1.76 30.21 3.14
N ILE B 71 -2.47 30.35 2.01
CA ILE B 71 -2.45 29.30 1.00
C ILE B 71 -1.03 28.82 0.80
N ASP B 72 -0.12 29.76 0.60
CA ASP B 72 1.27 29.45 0.42
C ASP B 72 1.78 28.91 1.76
N SER B 73 1.38 29.58 2.84
CA SER B 73 1.76 29.16 4.19
C SER B 73 1.43 27.68 4.29
N VAL B 74 0.32 27.29 3.68
CA VAL B 74 -0.16 25.91 3.66
C VAL B 74 0.68 25.06 2.72
N ASP B 75 0.39 25.17 1.43
CA ASP B 75 1.09 24.42 0.39
C ASP B 75 2.54 24.20 0.82
N GLU B 76 3.15 25.23 1.41
CA GLU B 76 4.52 25.17 1.90
C GLU B 76 4.70 23.93 2.72
N GLU B 77 3.99 23.91 3.84
CA GLU B 77 4.03 22.78 4.73
C GLU B 77 3.62 21.55 3.93
N ARG B 78 2.66 21.72 3.00
CA ARG B 78 2.24 20.59 2.17
C ARG B 78 3.53 20.08 1.53
N TYR B 79 4.43 21.00 1.26
CA TYR B 79 5.68 20.61 0.66
C TYR B 79 6.62 19.93 1.64
N ASP B 80 7.02 20.65 2.68
CA ASP B 80 7.92 20.08 3.68
C ASP B 80 7.54 18.61 3.85
N THR B 81 6.28 18.34 3.54
CA THR B 81 5.67 17.01 3.60
C THR B 81 6.08 15.99 2.55
N GLU B 82 5.57 16.15 1.33
CA GLU B 82 5.88 15.22 0.23
C GLU B 82 7.36 14.94 0.32
N VAL B 83 8.08 15.87 0.93
CA VAL B 83 9.52 15.77 1.12
C VAL B 83 9.83 14.75 2.18
N LYS B 84 9.61 15.16 3.42
CA LYS B 84 9.83 14.30 4.56
C LYS B 84 9.06 13.02 4.30
N LEU B 85 8.31 13.01 3.20
CA LEU B 85 7.53 11.87 2.76
C LEU B 85 8.40 11.03 1.83
N GLN B 86 8.62 11.50 0.60
CA GLN B 86 9.48 10.74 -0.32
C GLN B 86 10.76 10.39 0.42
N LYS B 87 11.17 11.27 1.34
CA LYS B 87 12.38 11.05 2.13
C LYS B 87 12.20 9.74 2.87
N THR B 88 11.22 9.73 3.74
CA THR B 88 10.92 8.55 4.53
C THR B 88 10.43 7.44 3.59
N ASN B 89 10.25 7.80 2.32
CA ASN B 89 9.80 6.87 1.27
C ASN B 89 10.98 6.07 0.79
N LYS B 90 12.11 6.74 0.72
CA LYS B 90 13.32 6.11 0.24
C LYS B 90 13.90 5.19 1.30
N GLU B 91 13.97 5.70 2.52
CA GLU B 91 14.53 4.97 3.64
C GLU B 91 14.03 3.54 3.64
N LEU B 92 12.72 3.37 3.58
CA LEU B 92 12.13 2.05 3.56
C LEU B 92 12.81 1.24 2.46
N GLU B 93 12.95 1.86 1.29
CA GLU B 93 13.54 1.19 0.14
C GLU B 93 15.00 0.83 0.31
N ASP B 94 15.68 1.48 1.25
CA ASP B 94 17.09 1.18 1.49
C ASP B 94 17.23 0.03 2.47
N LEU B 95 16.13 -0.29 3.13
CA LEU B 95 16.10 -1.40 4.07
C LEU B 95 15.38 -2.52 3.33
N SER B 96 14.97 -2.18 2.12
CA SER B 96 14.29 -3.13 1.27
C SER B 96 15.40 -4.04 0.78
N GLN B 97 16.50 -3.41 0.38
CA GLN B 97 17.67 -4.13 -0.13
C GLN B 97 18.33 -4.99 0.93
N LYS B 98 18.41 -4.47 2.15
CA LYS B 98 19.03 -5.19 3.26
C LYS B 98 18.40 -6.56 3.52
N LEU B 99 17.06 -6.62 3.46
CA LEU B 99 16.28 -7.85 3.72
C LEU B 99 16.34 -8.99 2.69
N PHE B 100 16.16 -8.68 1.41
CA PHE B 100 16.22 -9.71 0.39
C PHE B 100 17.55 -10.45 0.35
N ASP B 101 18.63 -9.71 0.04
CA ASP B 101 19.96 -10.30 -0.10
C ASP B 101 20.50 -11.18 1.03
N LEU B 102 20.02 -10.98 2.25
CA LEU B 102 20.47 -11.77 3.40
C LEU B 102 19.51 -12.94 3.61
N ARG B 103 18.23 -12.58 3.72
CA ARG B 103 17.14 -13.53 3.92
C ARG B 103 16.82 -14.28 2.65
N GLY B 104 16.27 -13.54 1.69
CA GLY B 104 15.88 -14.09 0.40
C GLY B 104 14.41 -13.87 0.09
N LYS B 105 13.92 -12.63 0.22
CA LYS B 105 12.51 -12.35 -0.04
C LYS B 105 12.18 -11.67 -1.35
N PHE B 106 13.12 -10.88 -1.87
CA PHE B 106 12.91 -10.21 -3.14
C PHE B 106 12.05 -8.93 -3.03
N LYS B 107 12.24 -8.01 -4.00
CA LYS B 107 11.50 -6.74 -4.03
C LYS B 107 10.60 -6.47 -5.23
N ARG B 108 10.42 -7.49 -6.08
CA ARG B 108 9.54 -7.43 -7.26
C ARG B 108 8.15 -6.96 -6.91
N PRO B 109 7.53 -7.40 -5.82
CA PRO B 109 6.17 -6.92 -5.50
C PRO B 109 5.72 -5.45 -5.66
N PRO B 110 6.41 -4.53 -4.97
CA PRO B 110 6.01 -3.13 -5.06
C PRO B 110 6.00 -2.43 -6.40
N LEU B 111 7.05 -2.61 -7.16
CA LEU B 111 7.15 -2.00 -8.46
C LEU B 111 5.99 -1.92 -9.40
N ARG B 112 5.51 -3.08 -9.79
CA ARG B 112 4.41 -3.16 -10.71
C ARG B 112 3.12 -2.44 -10.42
N ARG B 113 2.55 -2.74 -9.26
CA ARG B 113 1.30 -2.14 -8.88
C ARG B 113 1.21 -0.66 -8.70
N VAL B 114 2.11 -0.15 -7.89
CA VAL B 114 2.18 1.27 -7.60
C VAL B 114 2.27 2.31 -8.68
N ARG B 115 3.19 2.08 -9.61
CA ARG B 115 3.39 3.01 -10.71
C ARG B 115 2.30 3.83 -11.36
N MET B 116 1.29 3.16 -11.86
CA MET B 116 0.21 3.84 -12.52
C MET B 116 -0.47 4.97 -11.90
N SER B 117 -0.97 4.74 -10.70
CA SER B 117 -1.68 5.79 -9.97
C SER B 117 -1.03 7.14 -9.83
N ALA B 118 0.09 7.12 -9.14
CA ALA B 118 0.78 8.29 -8.62
C ALA B 118 1.31 9.17 -9.75
N THR C 4 0.54 -31.22 -17.66
CA THR C 4 -0.88 -30.94 -18.03
C THR C 4 -1.71 -30.76 -16.77
N ASP C 5 -1.12 -31.08 -15.62
CA ASP C 5 -1.79 -30.99 -14.32
C ASP C 5 -2.18 -29.55 -13.96
N GLN C 6 -1.40 -28.60 -14.44
CA GLN C 6 -1.63 -27.20 -14.18
C GLN C 6 -2.95 -26.74 -14.82
N GLN C 7 -3.20 -27.23 -16.03
CA GLN C 7 -4.39 -26.87 -16.80
C GLN C 7 -5.70 -27.13 -16.05
N ALA C 8 -5.71 -28.10 -15.14
CA ALA C 8 -6.93 -28.45 -14.38
C ALA C 8 -7.33 -27.34 -13.42
N GLU C 9 -6.53 -27.12 -12.39
CA GLU C 9 -6.82 -26.08 -11.44
C GLU C 9 -7.07 -24.85 -12.30
N ALA C 10 -6.21 -24.72 -13.30
CA ALA C 10 -6.26 -23.61 -14.24
C ALA C 10 -7.63 -23.33 -14.81
N ARG C 11 -8.42 -24.37 -15.03
CA ARG C 11 -9.74 -24.13 -15.61
C ARG C 11 -10.78 -23.95 -14.52
N ALA C 12 -10.43 -24.32 -13.30
CA ALA C 12 -11.34 -24.14 -12.19
C ALA C 12 -11.41 -22.65 -11.95
N PHE C 13 -10.23 -22.01 -11.90
CA PHE C 13 -10.10 -20.56 -11.67
C PHE C 13 -11.02 -19.78 -12.61
N LEU C 14 -11.15 -20.24 -13.84
CA LEU C 14 -11.99 -19.52 -14.78
C LEU C 14 -13.50 -19.70 -14.56
N SER C 15 -14.17 -18.58 -14.26
CA SER C 15 -15.62 -18.49 -14.04
C SER C 15 -16.25 -17.68 -15.18
N GLU C 16 -17.53 -17.89 -15.41
CA GLU C 16 -18.25 -17.25 -16.52
C GLU C 16 -17.91 -15.81 -16.98
N GLU C 17 -17.86 -14.82 -16.09
CA GLU C 17 -17.55 -13.45 -16.56
C GLU C 17 -16.09 -13.23 -17.04
N MET C 18 -15.26 -14.28 -16.96
CA MET C 18 -13.87 -14.21 -17.45
C MET C 18 -13.35 -15.55 -18.08
N ILE C 19 -14.14 -16.11 -19.02
CA ILE C 19 -13.83 -17.34 -19.79
C ILE C 19 -14.26 -17.04 -21.22
N ALA C 20 -15.25 -16.16 -21.33
CA ALA C 20 -15.77 -15.71 -22.61
C ALA C 20 -15.03 -14.41 -22.92
N GLU C 21 -14.38 -13.84 -21.88
CA GLU C 21 -13.57 -12.61 -22.01
C GLU C 21 -12.13 -13.04 -22.35
N PHE C 22 -11.47 -13.85 -21.50
CA PHE C 22 -10.10 -14.32 -21.76
C PHE C 22 -10.06 -15.14 -23.06
N LYS C 23 -11.05 -14.91 -23.92
CA LYS C 23 -11.21 -15.57 -25.20
C LYS C 23 -10.91 -14.62 -26.37
N ALA C 24 -11.93 -13.87 -26.79
CA ALA C 24 -11.85 -12.94 -27.91
C ALA C 24 -10.55 -12.15 -28.12
N ALA C 25 -9.78 -11.98 -27.05
CA ALA C 25 -8.53 -11.22 -27.17
C ALA C 25 -7.34 -12.16 -27.22
N PHE C 26 -7.45 -13.24 -26.46
CA PHE C 26 -6.41 -14.24 -26.43
C PHE C 26 -6.33 -14.74 -27.86
N ASP C 27 -7.46 -14.71 -28.53
CA ASP C 27 -7.55 -15.18 -29.90
C ASP C 27 -6.77 -14.30 -30.84
N MET C 28 -6.74 -13.00 -30.54
CA MET C 28 -6.02 -12.03 -31.34
C MET C 28 -4.57 -12.47 -31.38
N PHE C 29 -4.39 -13.74 -31.05
CA PHE C 29 -3.09 -14.36 -31.05
C PHE C 29 -3.12 -15.61 -32.01
N ASP C 30 -4.30 -16.20 -32.30
CA ASP C 30 -4.39 -17.41 -33.18
C ASP C 30 -4.81 -17.12 -34.65
N ALA C 31 -5.10 -18.18 -35.44
CA ALA C 31 -5.50 -17.99 -36.86
C ALA C 31 -5.90 -19.11 -37.88
N ASP C 32 -6.71 -20.13 -37.54
CA ASP C 32 -7.12 -21.19 -38.51
C ASP C 32 -7.64 -22.54 -37.95
N GLY C 33 -8.61 -22.54 -37.04
CA GLY C 33 -9.14 -23.80 -36.52
C GLY C 33 -8.18 -24.98 -36.65
N GLY C 34 -7.47 -25.28 -35.57
CA GLY C 34 -6.49 -26.36 -35.55
C GLY C 34 -5.61 -26.23 -34.31
N GLY C 35 -5.91 -25.22 -33.49
CA GLY C 35 -5.19 -24.96 -32.25
C GLY C 35 -3.80 -24.29 -32.30
N ASP C 36 -3.68 -23.05 -31.81
CA ASP C 36 -2.42 -22.35 -31.83
C ASP C 36 -2.27 -21.30 -30.77
N ILE C 37 -2.43 -20.09 -31.24
CA ILE C 37 -2.25 -18.83 -30.54
C ILE C 37 -0.82 -18.47 -30.59
N SER C 38 -0.54 -17.20 -30.76
CA SER C 38 0.82 -16.78 -30.77
C SER C 38 1.30 -16.05 -29.54
N THR C 39 2.49 -15.45 -29.65
CA THR C 39 3.12 -14.71 -28.55
C THR C 39 3.95 -13.49 -28.97
N LYS C 40 3.87 -13.09 -30.23
CA LYS C 40 4.61 -11.90 -30.67
C LYS C 40 3.74 -10.74 -30.64
N GLU C 41 2.81 -10.88 -29.73
CA GLU C 41 1.75 -9.97 -29.57
C GLU C 41 1.43 -10.46 -28.15
N LEU C 42 2.50 -10.93 -27.50
CA LEU C 42 2.44 -11.43 -26.14
C LEU C 42 2.49 -10.21 -25.27
N GLY C 43 3.17 -9.17 -25.76
CA GLY C 43 3.27 -7.92 -25.01
C GLY C 43 2.23 -6.89 -25.45
N THR C 44 1.83 -6.95 -26.71
CA THR C 44 0.83 -6.04 -27.29
C THR C 44 -0.58 -6.35 -26.74
N VAL C 45 -0.71 -7.48 -26.05
CA VAL C 45 -1.98 -7.87 -25.47
C VAL C 45 -1.97 -7.92 -23.94
N MET C 46 -0.79 -8.05 -23.36
CA MET C 46 -0.66 -8.06 -21.92
C MET C 46 -1.18 -6.72 -21.46
N ARG C 47 -0.57 -5.68 -22.01
CA ARG C 47 -0.95 -4.30 -21.73
C ARG C 47 -2.37 -4.17 -22.27
N MET C 48 -2.69 -4.94 -23.31
CA MET C 48 -4.02 -4.93 -23.92
C MET C 48 -5.08 -5.22 -22.88
N LEU C 49 -4.61 -5.42 -21.64
CA LEU C 49 -5.49 -5.71 -20.52
C LEU C 49 -5.07 -4.89 -19.30
N GLY C 50 -4.05 -4.06 -19.48
CA GLY C 50 -3.55 -3.21 -18.41
C GLY C 50 -2.25 -3.65 -17.75
N GLN C 51 -1.35 -4.31 -18.51
CA GLN C 51 -0.07 -4.79 -17.95
C GLN C 51 1.16 -4.31 -18.74
N ASN C 52 1.84 -3.29 -18.22
CA ASN C 52 3.02 -2.73 -18.88
C ASN C 52 4.31 -3.40 -18.42
N PRO C 53 4.68 -4.53 -19.07
CA PRO C 53 5.89 -5.22 -18.70
C PRO C 53 7.13 -4.64 -19.34
N THR C 54 7.97 -4.05 -18.49
CA THR C 54 9.22 -3.46 -18.93
C THR C 54 9.80 -4.46 -19.93
N LYS C 55 10.83 -4.06 -20.69
CA LYS C 55 11.41 -4.98 -21.65
C LYS C 55 12.43 -5.97 -21.07
N GLU C 56 12.77 -5.80 -19.79
CA GLU C 56 13.67 -6.71 -19.10
C GLU C 56 12.59 -7.56 -18.44
N GLU C 57 11.37 -7.19 -18.80
CA GLU C 57 10.14 -7.84 -18.34
C GLU C 57 9.28 -7.95 -19.59
N LEU C 58 9.97 -8.10 -20.72
CA LEU C 58 9.36 -8.26 -22.03
C LEU C 58 10.24 -9.20 -22.86
N ASP C 59 11.52 -9.30 -22.49
CA ASP C 59 12.46 -10.20 -23.15
C ASP C 59 12.42 -11.52 -22.41
N ALA C 60 12.12 -11.41 -21.11
CA ALA C 60 12.01 -12.57 -20.23
C ALA C 60 10.68 -13.31 -20.46
N ILE C 61 9.60 -12.55 -20.64
CA ILE C 61 8.28 -13.14 -20.87
C ILE C 61 8.30 -13.84 -22.22
N ILE C 62 9.42 -13.68 -22.90
CA ILE C 62 9.62 -14.31 -24.18
C ILE C 62 10.64 -15.45 -23.99
N GLU C 63 11.46 -15.35 -22.95
CA GLU C 63 12.50 -16.35 -22.65
C GLU C 63 12.10 -17.51 -21.74
N GLU C 64 10.93 -17.42 -21.12
CA GLU C 64 10.50 -18.47 -20.22
C GLU C 64 9.38 -19.32 -20.79
N VAL C 65 8.55 -18.71 -21.64
CA VAL C 65 7.39 -19.39 -22.24
C VAL C 65 7.57 -20.15 -23.57
N ASP C 66 6.78 -21.21 -23.77
CA ASP C 66 6.81 -22.03 -24.99
C ASP C 66 8.03 -22.96 -25.10
N GLU C 67 7.79 -24.29 -25.18
CA GLU C 67 8.87 -25.28 -25.25
C GLU C 67 8.64 -26.52 -26.15
N ASP C 68 7.57 -26.53 -26.95
CA ASP C 68 7.38 -27.69 -27.84
C ASP C 68 7.67 -27.35 -29.31
N GLY C 69 7.55 -26.08 -29.67
CA GLY C 69 7.80 -25.65 -31.04
C GLY C 69 6.52 -25.18 -31.70
N SER C 70 5.40 -25.43 -31.03
CA SER C 70 4.09 -25.05 -31.54
C SER C 70 4.03 -23.55 -31.78
N GLY C 71 4.99 -22.82 -31.19
CA GLY C 71 5.06 -21.37 -31.35
C GLY C 71 3.69 -20.78 -31.18
N THR C 72 3.01 -21.25 -30.14
CA THR C 72 1.68 -20.80 -29.86
C THR C 72 1.47 -20.84 -28.38
N ILE C 73 0.22 -20.67 -27.99
CA ILE C 73 -0.14 -20.73 -26.58
C ILE C 73 -1.68 -20.67 -26.49
N ASP C 74 -2.31 -21.81 -26.25
CA ASP C 74 -3.77 -21.85 -26.19
C ASP C 74 -4.35 -21.36 -24.87
N PHE C 75 -5.60 -21.71 -24.62
CA PHE C 75 -6.29 -21.34 -23.39
C PHE C 75 -5.93 -22.43 -22.35
N GLU C 76 -4.84 -23.16 -22.61
CA GLU C 76 -4.37 -24.25 -21.71
C GLU C 76 -3.25 -23.82 -20.81
N GLU C 77 -2.06 -23.72 -21.35
CA GLU C 77 -0.90 -23.31 -20.58
C GLU C 77 -0.90 -21.79 -20.55
N PHE C 78 -2.07 -21.24 -20.83
CA PHE C 78 -2.31 -19.80 -20.90
C PHE C 78 -2.61 -19.13 -19.58
N LEU C 79 -3.86 -19.27 -19.13
CA LEU C 79 -4.32 -18.68 -17.88
C LEU C 79 -3.46 -19.12 -16.71
N VAL C 80 -2.31 -19.73 -17.05
CA VAL C 80 -1.35 -20.20 -16.06
C VAL C 80 -0.44 -18.99 -15.85
N MET C 81 -0.14 -18.33 -16.95
CA MET C 81 0.70 -17.14 -16.92
C MET C 81 -0.25 -15.97 -16.58
N MET C 82 -1.41 -16.28 -15.97
CA MET C 82 -2.39 -15.24 -15.62
C MET C 82 -3.00 -15.35 -14.20
N VAL C 83 -2.15 -15.66 -13.24
CA VAL C 83 -2.54 -15.73 -11.83
C VAL C 83 -1.44 -15.10 -11.00
N ARG C 84 -0.18 -15.41 -11.36
CA ARG C 84 1.01 -14.89 -10.66
C ARG C 84 1.49 -13.50 -11.14
N GLN C 85 0.68 -12.81 -11.95
CA GLN C 85 1.05 -11.49 -12.42
C GLN C 85 -0.13 -10.51 -12.49
N GLU C 97 -3.23 -8.48 3.07
CA GLU C 97 -3.98 -8.27 4.30
C GLU C 97 -3.29 -8.93 5.47
N LEU C 98 -2.28 -9.73 5.15
CA LEU C 98 -1.51 -10.44 6.16
C LEU C 98 -0.51 -9.49 6.77
N ALA C 99 -0.48 -8.27 6.24
CA ALA C 99 0.40 -7.23 6.75
C ALA C 99 -0.50 -6.32 7.58
N ASN C 100 -1.80 -6.49 7.36
CA ASN C 100 -2.82 -5.73 8.09
C ASN C 100 -2.96 -6.32 9.47
N CYS C 101 -3.48 -7.54 9.52
CA CYS C 101 -3.69 -8.22 10.78
C CYS C 101 -2.52 -8.08 11.73
N PHE C 102 -1.31 -8.07 11.19
CA PHE C 102 -0.14 -7.91 12.02
C PHE C 102 -0.28 -6.62 12.81
N ARG C 103 -0.83 -5.61 12.14
CA ARG C 103 -1.04 -4.32 12.76
C ARG C 103 -2.17 -4.32 13.78
N ILE C 104 -3.21 -5.12 13.54
CA ILE C 104 -4.35 -5.16 14.47
C ILE C 104 -4.10 -6.19 15.57
N PHE C 105 -2.93 -6.82 15.50
CA PHE C 105 -2.54 -7.81 16.50
C PHE C 105 -1.26 -7.33 17.18
N ASP C 106 -0.26 -6.97 16.39
CA ASP C 106 0.99 -6.46 16.93
C ASP C 106 0.63 -5.44 17.96
N LYS C 107 -0.25 -4.53 17.55
CA LYS C 107 -0.75 -3.45 18.39
C LYS C 107 0.08 -3.02 19.58
N ASN C 108 0.70 -1.86 19.42
CA ASN C 108 1.56 -1.19 20.41
C ASN C 108 2.79 -0.68 19.69
N ALA C 109 2.96 -1.13 18.46
CA ALA C 109 4.06 -0.72 17.60
C ALA C 109 5.42 -1.36 17.83
N ASP C 110 5.49 -2.31 18.77
CA ASP C 110 6.77 -2.96 18.99
C ASP C 110 6.92 -4.03 17.95
N GLY C 111 6.11 -3.93 16.89
CA GLY C 111 6.15 -4.87 15.78
C GLY C 111 6.02 -6.33 16.17
N PHE C 112 6.16 -6.62 17.46
CA PHE C 112 6.09 -7.99 17.93
C PHE C 112 4.76 -8.27 18.63
N ILE C 113 4.56 -9.54 18.93
CA ILE C 113 3.35 -9.99 19.60
C ILE C 113 3.73 -11.08 20.58
N ASP C 114 3.59 -10.79 21.86
CA ASP C 114 3.94 -11.74 22.89
C ASP C 114 2.80 -12.59 23.45
N ILE C 115 3.07 -13.18 24.60
CA ILE C 115 2.15 -14.06 25.30
C ILE C 115 0.85 -13.41 25.74
N GLU C 116 0.94 -12.19 26.25
CA GLU C 116 -0.24 -11.48 26.73
C GLU C 116 -1.16 -10.92 25.66
N GLU C 117 -0.64 -10.09 24.76
CA GLU C 117 -1.49 -9.53 23.72
C GLU C 117 -2.27 -10.67 23.11
N LEU C 118 -1.55 -11.71 22.72
CA LEU C 118 -2.20 -12.87 22.17
C LEU C 118 -3.19 -13.29 23.24
N GLY C 119 -2.75 -13.29 24.49
CA GLY C 119 -3.64 -13.62 25.57
C GLY C 119 -4.86 -12.76 25.33
N GLU C 120 -4.62 -11.47 25.19
CA GLU C 120 -5.67 -10.50 24.92
C GLU C 120 -6.55 -10.90 23.76
N ILE C 121 -5.98 -10.80 22.56
CA ILE C 121 -6.71 -11.12 21.35
C ILE C 121 -7.41 -12.46 21.45
N LEU C 122 -6.73 -13.45 22.02
CA LEU C 122 -7.32 -14.76 22.18
C LEU C 122 -8.38 -14.67 23.28
N ARG C 123 -8.47 -13.48 23.86
CA ARG C 123 -9.41 -13.19 24.95
C ARG C 123 -10.23 -11.99 24.45
N ALA C 124 -9.86 -11.49 23.28
CA ALA C 124 -10.54 -10.35 22.68
C ALA C 124 -11.53 -10.90 21.66
N THR C 125 -11.67 -12.21 21.63
CA THR C 125 -12.58 -12.81 20.67
C THR C 125 -13.78 -13.42 21.36
N GLY C 126 -14.50 -14.28 20.65
CA GLY C 126 -15.67 -14.92 21.21
C GLY C 126 -15.55 -16.40 21.54
N GLU C 127 -14.45 -17.02 21.16
CA GLU C 127 -14.28 -18.44 21.44
C GLU C 127 -13.58 -18.60 22.79
N HIS C 128 -14.06 -19.56 23.56
CA HIS C 128 -13.52 -19.85 24.88
C HIS C 128 -12.08 -20.34 24.78
N VAL C 129 -11.27 -19.93 25.73
CA VAL C 129 -9.87 -20.33 25.79
C VAL C 129 -9.40 -20.26 27.24
N THR C 130 -8.14 -20.59 27.48
CA THR C 130 -7.63 -20.56 28.84
C THR C 130 -6.17 -20.12 28.89
N GLU C 131 -5.72 -19.76 30.09
CA GLU C 131 -4.34 -19.35 30.30
C GLU C 131 -3.51 -20.56 29.91
N GLU C 132 -4.21 -21.59 29.46
CA GLU C 132 -3.62 -22.84 29.01
C GLU C 132 -3.78 -22.97 27.50
N ASP C 133 -4.78 -22.27 26.95
CA ASP C 133 -5.01 -22.29 25.51
C ASP C 133 -4.07 -21.27 24.88
N ILE C 134 -3.55 -20.40 25.72
CA ILE C 134 -2.65 -19.34 25.30
C ILE C 134 -1.19 -19.78 25.29
N GLU C 135 -0.64 -20.16 26.45
CA GLU C 135 0.77 -20.57 26.50
C GLU C 135 1.12 -21.83 25.68
N ASP C 136 0.17 -22.31 24.88
CA ASP C 136 0.39 -23.48 24.02
C ASP C 136 0.53 -23.02 22.59
N LEU C 137 -0.25 -22.01 22.22
CA LEU C 137 -0.20 -21.46 20.88
C LEU C 137 1.15 -20.76 20.65
N MET C 138 1.60 -19.96 21.64
CA MET C 138 2.87 -19.24 21.54
C MET C 138 4.04 -20.20 21.27
N LYS C 139 3.83 -21.48 21.55
CA LYS C 139 4.86 -22.51 21.35
C LYS C 139 4.89 -23.10 19.92
N ASP C 140 4.21 -22.44 18.98
CA ASP C 140 4.18 -22.97 17.61
C ASP C 140 4.53 -21.99 16.48
N SER C 141 4.36 -20.69 16.69
CA SER C 141 4.68 -19.69 15.66
C SER C 141 6.04 -19.06 15.87
N ASP C 142 6.46 -19.02 17.12
CA ASP C 142 7.75 -18.47 17.50
C ASP C 142 8.78 -19.56 17.30
N LYS C 143 9.09 -19.86 16.05
CA LYS C 143 10.06 -20.90 15.76
C LYS C 143 11.39 -20.61 16.50
N ASN C 144 12.14 -19.61 16.06
CA ASN C 144 13.42 -19.22 16.67
C ASN C 144 13.50 -19.38 18.20
N ASN C 145 12.34 -19.42 18.86
CA ASN C 145 12.23 -19.55 20.32
C ASN C 145 12.59 -18.25 21.02
N ASP C 146 11.58 -17.52 21.50
CA ASP C 146 11.79 -16.24 22.20
C ASP C 146 10.69 -15.78 23.17
N GLY C 147 9.54 -15.40 22.60
CA GLY C 147 8.44 -14.93 23.40
C GLY C 147 7.66 -13.86 22.63
N ARG C 148 7.81 -13.87 21.31
CA ARG C 148 7.14 -12.94 20.42
C ARG C 148 6.93 -13.67 19.09
N ILE C 149 6.64 -12.92 18.02
CA ILE C 149 6.44 -13.52 16.70
C ILE C 149 6.74 -12.52 15.61
N ASP C 150 7.92 -12.63 15.00
CA ASP C 150 8.25 -11.71 13.92
C ASP C 150 7.22 -11.92 12.83
N PHE C 151 7.01 -10.86 12.06
CA PHE C 151 6.06 -10.92 10.98
C PHE C 151 6.39 -12.16 10.18
N ASP C 152 7.68 -12.44 10.05
CA ASP C 152 8.13 -13.62 9.34
C ASP C 152 7.30 -14.79 9.83
N GLU C 153 7.24 -14.97 11.14
CA GLU C 153 6.49 -16.05 11.76
C GLU C 153 5.07 -15.61 12.03
N PHE C 154 4.63 -14.60 11.28
CA PHE C 154 3.29 -14.11 11.43
C PHE C 154 2.47 -14.58 10.24
N LEU C 155 3.17 -14.98 9.19
CA LEU C 155 2.55 -15.43 7.95
C LEU C 155 2.57 -16.96 7.84
N LYS C 156 3.21 -17.59 8.82
CA LYS C 156 3.35 -19.05 8.83
C LYS C 156 2.32 -19.76 9.70
N MET C 157 1.95 -19.14 10.81
CA MET C 157 0.98 -19.75 11.68
C MET C 157 -0.38 -19.47 11.10
N MET C 158 -0.55 -18.22 10.70
CA MET C 158 -1.78 -17.73 10.12
C MET C 158 -2.02 -18.27 8.72
N GLU C 159 -1.29 -19.31 8.35
CA GLU C 159 -1.46 -19.90 7.03
C GLU C 159 -2.55 -20.96 7.03
N GLY C 160 -3.34 -20.98 5.96
CA GLY C 160 -4.42 -21.97 5.83
C GLY C 160 -5.73 -21.45 6.40
N VAL C 161 -5.61 -20.39 7.19
CA VAL C 161 -6.76 -19.78 7.84
C VAL C 161 -7.31 -18.64 6.99
N GLN C 162 -8.54 -18.79 6.50
CA GLN C 162 -9.21 -17.80 5.68
C GLN C 162 -8.22 -16.80 5.07
MG MG D . 4.91 -6.01 22.80
MG MG E . 9.99 -14.78 16.57
#